data_8RU8
#
_entry.id   8RU8
#
_cell.length_a   54.081
_cell.length_b   72.592
_cell.length_c   72.154
_cell.angle_alpha   90.00
_cell.angle_beta   90.00
_cell.angle_gamma   90.00
#
_symmetry.space_group_name_H-M   'P 21 21 21'
#
loop_
_entity.id
_entity.type
_entity.pdbx_description
1 polymer 'Cyclin-dependent kinase 2'
2 non-polymer (3R,4R)-4-[[[7-[(phenylmethyl)amino]-3-propan-2-yl-pyrazolo[1,5-a]pyrimidin-5-yl]amino]methyl]piperidin-3-ol
3 water water
#
_entity_poly.entity_id   1
_entity_poly.type   'polypeptide(L)'
_entity_poly.pdbx_seq_one_letter_code
;GPLGSPEFMENFQKVEKLGEGQYGVVYKARNKLTGEVVALKKIRLDTETEGVPSTAIREISLLKELNHPNIIKLLDVIHT
ENKLYLVFEFLHQDLEVFMKASALTGIPLPLIKSYLFQLLQGLAFCHSHRVLHRDLKPNNLLINTEGAIKLADFGLARAF
GVPVRTYTHEVVTLWYRAPEILLGCKYYSTAVDIWSLGCIFAEMVTRRALFPGDSEIDQLFRIFRTLGTPDEVVWPGVTS
MPDYKPSFPKWARQDFSKVVPPLDEDGRSLLSQMLHYDPNKRISAKAALAHPFFQDVTKPVPHLRL
;
_entity_poly.pdbx_strand_id   A
#
loop_
_chem_comp.id
_chem_comp.type
_chem_comp.name
_chem_comp.formula
I74 non-polymer (3R,4R)-4-[[[7-[(phenylmethyl)amino]-3-propan-2-yl-pyrazolo[1,5-a]pyrimidin-5-yl]amino]methyl]piperidin-3-ol 'C22 H30 N6 O'
#
# COMPACT_ATOMS: atom_id res chain seq x y z
N MET A 9 -5.17 -20.06 22.13
CA MET A 9 -6.43 -19.32 21.96
C MET A 9 -7.26 -19.25 23.21
N GLU A 10 -7.04 -20.14 24.22
CA GLU A 10 -7.64 -19.98 25.54
C GLU A 10 -7.30 -18.60 26.15
N ASN A 11 -6.16 -17.98 25.76
CA ASN A 11 -5.77 -16.67 26.27
C ASN A 11 -6.56 -15.52 25.62
N PHE A 12 -7.40 -15.79 24.58
CA PHE A 12 -8.16 -14.75 23.87
C PHE A 12 -9.62 -15.18 23.66
N GLN A 13 -10.56 -14.27 23.92
CA GLN A 13 -11.93 -14.42 23.44
C GLN A 13 -11.98 -13.89 22.00
N LYS A 14 -12.16 -14.75 20.97
CA LYS A 14 -12.45 -14.25 19.62
C LYS A 14 -13.75 -13.45 19.61
N VAL A 15 -13.78 -12.35 18.84
CA VAL A 15 -14.94 -11.51 18.72
C VAL A 15 -15.52 -11.63 17.29
N GLU A 16 -14.69 -11.51 16.25
CA GLU A 16 -15.14 -11.32 14.87
C GLU A 16 -13.98 -11.65 13.93
N LYS A 17 -14.23 -12.36 12.79
CA LYS A 17 -13.21 -12.44 11.76
C LYS A 17 -13.13 -11.10 11.09
N LEU A 18 -11.91 -10.64 10.85
CA LEU A 18 -11.65 -9.41 10.13
C LEU A 18 -11.31 -9.65 8.68
N GLY A 19 -10.73 -10.82 8.36
CA GLY A 19 -10.46 -11.20 6.97
C GLY A 19 -9.21 -12.04 6.85
N GLU A 20 -8.60 -12.05 5.64
CA GLU A 20 -7.42 -12.85 5.34
C GLU A 20 -6.26 -11.92 5.11
N GLY A 21 -5.19 -12.09 5.87
CA GLY A 21 -3.94 -11.41 5.58
C GLY A 21 -3.08 -12.17 4.61
N GLN A 22 -1.83 -11.74 4.44
CA GLN A 22 -0.95 -12.37 3.47
C GLN A 22 -0.70 -13.86 3.81
N TYR A 23 -0.43 -14.17 5.09
CA TYR A 23 -0.08 -15.54 5.46
C TYR A 23 -1.07 -16.23 6.43
N GLY A 24 -2.27 -15.68 6.62
CA GLY A 24 -3.29 -16.36 7.41
C GLY A 24 -4.48 -15.50 7.76
N VAL A 25 -5.37 -16.03 8.60
CA VAL A 25 -6.62 -15.37 8.94
C VAL A 25 -6.47 -14.45 10.16
N VAL A 26 -7.22 -13.34 10.18
CA VAL A 26 -7.17 -12.34 11.25
C VAL A 26 -8.50 -12.31 12.01
N TYR A 27 -8.42 -12.41 13.34
CA TYR A 27 -9.57 -12.23 14.24
C TYR A 27 -9.37 -10.99 15.12
N LYS A 28 -10.41 -10.22 15.32
CA LYS A 28 -10.47 -9.29 16.45
C LYS A 28 -10.67 -10.17 17.70
N ALA A 29 -9.94 -9.88 18.75
CA ALA A 29 -9.99 -10.74 19.93
C ALA A 29 -9.72 -9.94 21.17
N ARG A 30 -10.14 -10.47 22.34
CA ARG A 30 -9.88 -9.80 23.61
C ARG A 30 -8.96 -10.63 24.48
N ASN A 31 -7.88 -10.04 25.00
CA ASN A 31 -6.99 -10.74 25.93
C ASN A 31 -7.75 -11.01 27.23
N LYS A 32 -7.85 -12.29 27.63
CA LYS A 32 -8.65 -12.75 28.78
C LYS A 32 -8.27 -12.06 30.09
N LEU A 33 -6.95 -11.78 30.26
CA LEU A 33 -6.43 -11.22 31.49
C LEU A 33 -6.45 -9.70 31.48
N THR A 34 -5.93 -9.08 30.44
CA THR A 34 -5.75 -7.63 30.41
C THR A 34 -7.01 -6.86 30.01
N GLY A 35 -7.98 -7.51 29.37
CA GLY A 35 -9.05 -6.83 28.64
C GLY A 35 -8.66 -6.17 27.33
N GLU A 36 -7.37 -6.22 26.89
CA GLU A 36 -6.98 -5.58 25.63
C GLU A 36 -7.70 -6.17 24.40
N VAL A 37 -8.19 -5.28 23.50
CA VAL A 37 -8.74 -5.71 22.23
C VAL A 37 -7.57 -5.58 21.24
N VAL A 38 -7.30 -6.66 20.56
CA VAL A 38 -6.21 -6.83 19.63
C VAL A 38 -6.72 -7.47 18.34
N ALA A 39 -5.85 -7.45 17.28
CA ALA A 39 -6.09 -8.22 16.08
C ALA A 39 -5.06 -9.35 16.11
N LEU A 40 -5.52 -10.57 16.05
CA LEU A 40 -4.69 -11.78 16.13
C LEU A 40 -4.63 -12.40 14.77
N LYS A 41 -3.43 -12.56 14.19
CA LYS A 41 -3.28 -13.25 12.92
C LYS A 41 -2.74 -14.64 13.21
N LYS A 42 -3.41 -15.66 12.71
CA LYS A 42 -2.97 -17.06 12.82
C LYS A 42 -2.30 -17.44 11.51
N ILE A 43 -1.00 -17.82 11.52
CA ILE A 43 -0.27 -18.24 10.32
C ILE A 43 -0.41 -19.75 10.23
N ARG A 44 -0.77 -20.29 9.07
CA ARG A 44 -1.13 -21.72 8.88
C ARG A 44 -1.99 -22.30 10.03
N SER A 54 11.62 -21.55 10.17
CA SER A 54 12.57 -21.34 11.29
C SER A 54 13.23 -19.96 11.20
N THR A 55 13.74 -19.59 10.00
CA THR A 55 14.32 -18.27 9.76
C THR A 55 13.29 -17.14 9.87
N ALA A 56 12.00 -17.44 9.65
CA ALA A 56 10.91 -16.48 9.83
C ALA A 56 10.69 -16.12 11.31
N ILE A 57 10.99 -17.05 12.23
CA ILE A 57 10.87 -16.77 13.67
C ILE A 57 11.81 -15.61 14.06
N ARG A 58 13.05 -15.65 13.55
CA ARG A 58 14.06 -14.65 13.80
C ARG A 58 13.72 -13.33 13.08
N GLU A 59 13.21 -13.41 11.84
CA GLU A 59 12.90 -12.24 10.99
C GLU A 59 11.70 -11.46 11.47
N ILE A 60 10.63 -12.14 11.91
CA ILE A 60 9.45 -11.44 12.41
C ILE A 60 9.78 -10.78 13.77
N SER A 61 10.67 -11.35 14.57
CA SER A 61 11.18 -10.68 15.78
C SER A 61 11.81 -9.31 15.49
N LEU A 62 12.53 -9.16 14.35
CA LEU A 62 13.02 -7.82 13.94
C LEU A 62 11.83 -6.86 13.62
N LEU A 63 10.72 -7.41 13.18
CA LEU A 63 9.55 -6.62 12.79
C LEU A 63 8.87 -5.99 14.04
N LYS A 64 9.00 -6.64 15.21
CA LYS A 64 8.52 -6.08 16.48
C LYS A 64 9.26 -4.80 16.89
N GLU A 65 10.53 -4.64 16.50
CA GLU A 65 11.29 -3.45 16.85
C GLU A 65 11.02 -2.27 15.87
N LEU A 66 10.34 -2.52 14.74
CA LEU A 66 10.03 -1.49 13.74
C LEU A 66 8.83 -0.66 14.19
N ASN A 67 9.06 0.29 15.13
CA ASN A 67 8.05 1.11 15.76
C ASN A 67 8.01 2.59 15.22
N HIS A 68 6.86 3.01 14.66
CA HIS A 68 6.68 4.33 14.09
C HIS A 68 5.16 4.68 14.14
N PRO A 69 4.76 5.97 14.28
CA PRO A 69 3.32 6.28 14.32
C PRO A 69 2.49 5.81 13.16
N ASN A 70 3.08 5.64 12.02
CA ASN A 70 2.37 5.23 10.79
C ASN A 70 2.62 3.76 10.39
N ILE A 71 3.12 2.95 11.33
CA ILE A 71 3.24 1.51 11.13
C ILE A 71 2.48 0.80 12.24
N ILE A 72 1.63 -0.20 11.88
CA ILE A 72 0.84 -1.00 12.85
C ILE A 72 1.78 -1.59 13.91
N LYS A 73 1.42 -1.45 15.18
CA LYS A 73 2.21 -2.04 16.22
C LYS A 73 2.03 -3.55 16.29
N LEU A 74 3.13 -4.29 16.21
CA LEU A 74 3.15 -5.74 16.42
C LEU A 74 3.51 -5.94 17.89
N LEU A 75 2.57 -6.44 18.66
CA LEU A 75 2.63 -6.53 20.12
C LEU A 75 3.34 -7.81 20.53
N ASP A 76 3.02 -8.97 19.92
CA ASP A 76 3.63 -10.25 20.34
C ASP A 76 3.75 -11.22 19.18
N VAL A 77 4.77 -12.10 19.23
CA VAL A 77 4.96 -13.13 18.23
C VAL A 77 5.01 -14.43 19.03
N ILE A 78 4.06 -15.36 18.79
CA ILE A 78 3.99 -16.60 19.57
C ILE A 78 4.09 -17.76 18.62
N HIS A 79 5.10 -18.61 18.78
CA HIS A 79 5.28 -19.77 17.90
C HIS A 79 4.84 -20.97 18.72
N THR A 80 3.83 -21.74 18.25
CA THR A 80 3.36 -22.92 18.99
C THR A 80 2.57 -23.91 18.11
N GLU A 81 2.85 -25.24 18.27
CA GLU A 81 2.07 -26.30 17.63
C GLU A 81 1.87 -26.06 16.12
N ASN A 82 2.98 -25.79 15.40
CA ASN A 82 3.02 -25.61 13.95
C ASN A 82 2.62 -24.21 13.48
N LYS A 83 1.73 -23.52 14.25
CA LYS A 83 1.19 -22.21 13.87
C LYS A 83 1.96 -21.10 14.56
N LEU A 84 1.99 -19.96 13.90
CA LEU A 84 2.55 -18.77 14.47
C LEU A 84 1.40 -17.81 14.64
N TYR A 85 1.27 -17.21 15.82
CA TYR A 85 0.27 -16.14 16.03
C TYR A 85 0.99 -14.83 16.14
N LEU A 86 0.51 -13.82 15.42
CA LEU A 86 1.00 -12.45 15.54
C LEU A 86 -0.10 -11.61 16.16
N VAL A 87 0.21 -10.92 17.24
CA VAL A 87 -0.77 -10.14 17.95
C VAL A 87 -0.48 -8.68 17.60
N PHE A 88 -1.40 -8.01 16.92
CA PHE A 88 -1.25 -6.64 16.53
C PHE A 88 -2.21 -5.76 17.30
N GLU A 89 -1.84 -4.44 17.40
CA GLU A 89 -2.73 -3.27 17.68
C GLU A 89 -4.05 -3.49 16.84
N PHE A 90 -5.21 -3.21 17.37
CA PHE A 90 -6.47 -3.21 16.55
C PHE A 90 -6.78 -1.81 16.11
N LEU A 91 -7.08 -1.58 14.81
CA LEU A 91 -7.50 -0.27 14.33
C LEU A 91 -8.92 -0.39 13.84
N HIS A 92 -9.70 0.71 13.78
N HIS A 92 -9.49 0.84 13.72
CA HIS A 92 -11.16 0.51 13.67
CA HIS A 92 -10.91 1.17 13.70
C HIS A 92 -11.67 0.43 12.24
C HIS A 92 -11.60 0.82 12.40
N GLN A 93 -10.93 1.01 11.26
CA GLN A 93 -11.40 0.81 9.90
C GLN A 93 -10.23 0.72 8.93
N ASP A 94 -10.45 0.11 7.79
CA ASP A 94 -9.43 0.19 6.70
C ASP A 94 -9.80 1.25 5.65
N LEU A 95 -8.78 1.64 4.85
CA LEU A 95 -8.98 2.69 3.87
C LEU A 95 -9.92 2.21 2.75
N GLU A 96 -9.94 0.93 2.38
CA GLU A 96 -10.86 0.41 1.36
C GLU A 96 -12.33 0.72 1.77
N VAL A 97 -12.65 0.37 3.03
CA VAL A 97 -13.97 0.65 3.56
C VAL A 97 -14.29 2.12 3.61
N PHE A 98 -13.34 2.92 4.08
CA PHE A 98 -13.55 4.35 4.17
C PHE A 98 -13.74 4.97 2.78
N MET A 99 -12.94 4.55 1.80
CA MET A 99 -13.14 5.09 0.43
C MET A 99 -14.51 4.71 -0.12
N LYS A 100 -14.99 3.48 0.17
CA LYS A 100 -16.34 3.11 -0.29
C LYS A 100 -17.41 3.96 0.40
N ALA A 101 -17.29 4.14 1.72
CA ALA A 101 -18.19 5.00 2.48
C ALA A 101 -18.21 6.48 2.02
N SER A 102 -17.10 6.95 1.41
CA SER A 102 -16.94 8.33 1.02
C SER A 102 -17.15 8.48 -0.50
N ALA A 103 -17.66 7.46 -1.23
CA ALA A 103 -17.63 7.50 -2.68
C ALA A 103 -18.63 8.50 -3.30
N LEU A 104 -19.68 8.94 -2.56
CA LEU A 104 -20.66 9.89 -3.11
C LEU A 104 -20.05 11.28 -3.28
N THR A 105 -19.24 11.70 -2.32
CA THR A 105 -18.65 13.04 -2.26
C THR A 105 -17.13 13.06 -2.47
N GLY A 106 -16.50 11.95 -2.19
CA GLY A 106 -15.06 11.85 -2.21
C GLY A 106 -14.50 12.19 -0.86
N ILE A 107 -13.34 11.62 -0.56
CA ILE A 107 -12.55 12.01 0.61
C ILE A 107 -12.08 13.45 0.36
N PRO A 108 -12.24 14.38 1.32
CA PRO A 108 -11.76 15.74 1.09
C PRO A 108 -10.28 15.79 0.83
N LEU A 109 -9.88 16.67 -0.07
CA LEU A 109 -8.47 16.76 -0.45
C LEU A 109 -7.50 16.95 0.75
N PRO A 110 -7.78 17.81 1.76
CA PRO A 110 -6.85 17.90 2.89
C PRO A 110 -6.63 16.59 3.61
N LEU A 111 -7.64 15.74 3.66
CA LEU A 111 -7.53 14.41 4.29
C LEU A 111 -6.74 13.44 3.36
N ILE A 112 -6.97 13.47 2.06
CA ILE A 112 -6.13 12.72 1.10
C ILE A 112 -4.64 13.09 1.32
N LYS A 113 -4.37 14.40 1.37
CA LYS A 113 -3.04 14.89 1.48
C LYS A 113 -2.39 14.47 2.80
N SER A 114 -3.13 14.58 3.90
CA SER A 114 -2.65 14.09 5.19
C SER A 114 -2.30 12.59 5.19
N TYR A 115 -3.20 11.76 4.62
CA TYR A 115 -2.99 10.32 4.61
C TYR A 115 -1.77 10.00 3.72
N LEU A 116 -1.68 10.66 2.57
CA LEU A 116 -0.50 10.42 1.69
C LEU A 116 0.80 10.80 2.40
N PHE A 117 0.83 11.97 3.02
CA PHE A 117 2.02 12.44 3.76
C PHE A 117 2.39 11.44 4.88
N GLN A 118 1.38 10.98 5.64
CA GLN A 118 1.62 10.05 6.76
C GLN A 118 2.20 8.73 6.21
N LEU A 119 1.62 8.24 5.09
CA LEU A 119 2.08 6.96 4.53
C LEU A 119 3.49 7.08 4.00
N LEU A 120 3.82 8.22 3.42
CA LEU A 120 5.19 8.48 2.99
C LEU A 120 6.14 8.55 4.19
N GLN A 121 5.76 9.15 5.30
CA GLN A 121 6.60 9.09 6.55
C GLN A 121 6.82 7.63 6.97
N GLY A 122 5.74 6.82 6.93
CA GLY A 122 5.86 5.41 7.32
C GLY A 122 6.80 4.65 6.42
N LEU A 123 6.65 4.87 5.13
CA LEU A 123 7.53 4.20 4.15
C LEU A 123 8.94 4.70 4.26
N ALA A 124 9.16 6.02 4.48
CA ALA A 124 10.53 6.52 4.60
C ALA A 124 11.23 5.80 5.79
N PHE A 125 10.51 5.60 6.88
CA PHE A 125 11.01 4.88 8.04
C PHE A 125 11.31 3.40 7.72
N CYS A 126 10.34 2.63 7.15
CA CYS A 126 10.50 1.23 6.71
C CYS A 126 11.76 1.10 5.86
N HIS A 127 11.80 1.93 4.81
CA HIS A 127 12.85 1.84 3.79
C HIS A 127 14.21 2.16 4.38
N SER A 128 14.28 3.09 5.36
CA SER A 128 15.56 3.41 6.01
C SER A 128 16.05 2.29 6.90
N HIS A 129 15.15 1.42 7.35
CA HIS A 129 15.48 0.18 8.04
C HIS A 129 15.51 -1.06 7.10
N ARG A 130 15.57 -0.86 5.79
CA ARG A 130 15.69 -1.93 4.79
C ARG A 130 14.53 -2.96 4.93
N VAL A 131 13.34 -2.43 5.19
CA VAL A 131 12.10 -3.18 5.16
C VAL A 131 11.25 -2.66 4.03
N LEU A 132 10.79 -3.57 3.17
CA LEU A 132 9.82 -3.26 2.15
C LEU A 132 8.46 -3.75 2.58
N HIS A 133 7.41 -3.08 2.14
CA HIS A 133 6.05 -3.61 2.34
C HIS A 133 5.71 -4.72 1.31
N ARG A 134 5.82 -4.38 0.04
CA ARG A 134 5.66 -5.26 -1.12
C ARG A 134 4.23 -5.43 -1.61
N ASP A 135 3.24 -5.20 -0.77
CA ASP A 135 1.87 -5.48 -1.18
C ASP A 135 0.91 -4.42 -0.64
N LEU A 136 1.28 -3.14 -0.81
CA LEU A 136 0.38 -2.07 -0.39
C LEU A 136 -0.91 -2.05 -1.22
N LYS A 137 -2.02 -1.90 -0.51
CA LYS A 137 -3.35 -1.86 -1.08
C LYS A 137 -4.28 -1.17 -0.05
N PRO A 138 -5.39 -0.55 -0.49
CA PRO A 138 -6.29 0.10 0.49
C PRO A 138 -6.68 -0.77 1.68
N ASN A 139 -6.84 -2.09 1.51
CA ASN A 139 -7.30 -2.94 2.61
C ASN A 139 -6.19 -3.31 3.60
N ASN A 140 -4.92 -2.93 3.37
N ASN A 140 -4.89 -2.94 3.29
CA ASN A 140 -3.97 -3.04 4.49
CA ASN A 140 -3.76 -3.05 4.23
C ASN A 140 -3.43 -1.68 4.89
C ASN A 140 -3.48 -1.71 4.97
N LEU A 141 -4.23 -0.63 4.71
CA LEU A 141 -4.01 0.66 5.28
C LEU A 141 -5.14 0.91 6.30
N LEU A 142 -4.78 1.13 7.53
CA LEU A 142 -5.73 1.16 8.62
C LEU A 142 -5.81 2.55 9.20
N ILE A 143 -7.03 3.00 9.53
CA ILE A 143 -7.24 4.35 10.00
C ILE A 143 -7.89 4.37 11.35
N ASN A 144 -7.69 5.46 12.08
CA ASN A 144 -8.38 5.68 13.33
C ASN A 144 -9.16 7.02 13.36
N THR A 145 -9.93 7.21 14.45
CA THR A 145 -10.78 8.39 14.57
C THR A 145 -9.95 9.65 14.74
N GLU A 146 -8.66 9.55 15.13
CA GLU A 146 -7.80 10.71 15.39
C GLU A 146 -7.13 11.29 14.12
N GLY A 147 -7.32 10.67 12.95
CA GLY A 147 -6.75 11.20 11.72
C GLY A 147 -5.47 10.48 11.32
N ALA A 148 -5.09 9.38 12.05
CA ALA A 148 -3.85 8.68 11.68
C ALA A 148 -4.17 7.61 10.65
N ILE A 149 -3.14 7.18 9.89
CA ILE A 149 -3.26 6.07 8.99
C ILE A 149 -1.98 5.25 9.19
N LYS A 150 -2.09 3.93 9.14
CA LYS A 150 -0.92 3.05 9.37
C LYS A 150 -0.77 1.97 8.33
N LEU A 151 0.48 1.71 7.96
CA LEU A 151 0.85 0.58 7.18
C LEU A 151 0.68 -0.68 7.96
N ALA A 152 0.03 -1.71 7.32
CA ALA A 152 -0.17 -3.01 7.94
C ALA A 152 0.06 -4.18 6.93
N ASP A 153 0.19 -5.42 7.46
CA ASP A 153 0.23 -6.64 6.65
C ASP A 153 1.44 -6.64 5.78
N PHE A 154 2.58 -6.41 6.39
CA PHE A 154 3.85 -6.44 5.64
C PHE A 154 4.13 -7.82 5.01
N HIS A 169 -9.64 -18.88 -0.06
CA HIS A 169 -10.01 -18.93 -1.48
C HIS A 169 -10.00 -17.52 -2.10
N GLU A 170 -9.09 -16.62 -1.61
CA GLU A 170 -9.12 -15.19 -1.95
C GLU A 170 -8.43 -14.95 -3.32
N VAL A 171 -8.95 -13.96 -4.11
CA VAL A 171 -8.40 -13.69 -5.44
C VAL A 171 -7.34 -12.59 -5.26
N VAL A 172 -6.12 -12.82 -5.76
CA VAL A 172 -5.01 -11.86 -5.70
C VAL A 172 -5.39 -10.53 -6.35
N THR A 173 -5.18 -9.41 -5.68
CA THR A 173 -5.41 -8.09 -6.28
C THR A 173 -4.08 -7.65 -6.90
N LEU A 174 -4.08 -7.38 -8.18
CA LEU A 174 -2.86 -6.95 -8.86
C LEU A 174 -2.84 -5.44 -9.17
N TRP A 175 -3.88 -4.72 -8.78
CA TRP A 175 -4.10 -3.36 -9.25
C TRP A 175 -3.00 -2.41 -8.82
N TYR A 176 -2.32 -2.72 -7.74
CA TYR A 176 -1.28 -1.84 -7.16
C TYR A 176 0.16 -2.33 -7.40
N ARG A 177 0.32 -3.33 -8.22
N ARG A 177 0.35 -3.42 -8.16
CA ARG A 177 1.56 -3.98 -8.58
CA ARG A 177 1.65 -4.06 -8.40
C ARG A 177 2.44 -3.10 -9.46
C ARG A 177 2.47 -3.24 -9.43
N ALA A 178 3.69 -2.88 -9.04
CA ALA A 178 4.66 -2.16 -9.89
C ALA A 178 5.01 -2.96 -11.14
N PRO A 179 5.28 -2.23 -12.24
CA PRO A 179 5.57 -2.92 -13.50
C PRO A 179 6.77 -3.83 -13.48
N GLU A 180 7.81 -3.50 -12.70
CA GLU A 180 8.98 -4.39 -12.65
C GLU A 180 8.65 -5.77 -12.02
N ILE A 181 7.66 -5.79 -11.08
CA ILE A 181 7.20 -7.06 -10.51
C ILE A 181 6.51 -7.85 -11.61
N LEU A 182 5.58 -7.21 -12.33
CA LEU A 182 4.80 -7.87 -13.36
C LEU A 182 5.70 -8.38 -14.50
N LEU A 183 6.76 -7.67 -14.80
CA LEU A 183 7.77 -8.06 -15.80
C LEU A 183 8.86 -9.06 -15.29
N GLY A 184 8.69 -9.60 -14.11
CA GLY A 184 9.49 -10.71 -13.61
C GLY A 184 10.80 -10.37 -12.92
N CYS A 185 11.00 -9.11 -12.49
CA CYS A 185 12.15 -8.76 -11.64
C CYS A 185 12.14 -9.60 -10.33
N LYS A 186 13.28 -10.27 -10.09
CA LYS A 186 13.49 -11.14 -8.93
C LYS A 186 13.86 -10.34 -7.70
N TYR A 187 14.48 -9.15 -7.85
CA TYR A 187 14.96 -8.37 -6.72
C TYR A 187 14.18 -7.07 -6.65
N TYR A 188 13.09 -7.04 -5.88
CA TYR A 188 12.27 -5.82 -5.72
C TYR A 188 13.10 -4.77 -5.01
N SER A 189 12.94 -3.49 -5.33
CA SER A 189 13.48 -2.40 -4.49
C SER A 189 12.33 -1.67 -3.78
N THR A 190 12.71 -0.73 -2.93
CA THR A 190 11.77 0.12 -2.22
C THR A 190 10.81 0.84 -3.16
N ALA A 191 11.21 1.06 -4.43
CA ALA A 191 10.38 1.75 -5.40
C ALA A 191 9.04 1.04 -5.64
N VAL A 192 8.94 -0.28 -5.37
CA VAL A 192 7.67 -0.97 -5.58
C VAL A 192 6.55 -0.38 -4.70
N ASP A 193 6.93 0.05 -3.50
CA ASP A 193 5.96 0.61 -2.54
C ASP A 193 5.53 2.00 -2.93
N ILE A 194 6.47 2.79 -3.50
CA ILE A 194 6.10 4.14 -4.00
C ILE A 194 5.07 4.03 -5.15
N TRP A 195 5.31 3.10 -6.06
CA TRP A 195 4.34 2.83 -7.16
C TRP A 195 2.95 2.50 -6.58
N SER A 196 2.89 1.56 -5.64
CA SER A 196 1.59 1.17 -5.04
C SER A 196 0.91 2.38 -4.40
N LEU A 197 1.70 3.15 -3.64
CA LEU A 197 1.15 4.31 -2.96
C LEU A 197 0.64 5.36 -4.00
N GLY A 198 1.32 5.45 -5.17
CA GLY A 198 0.88 6.35 -6.20
C GLY A 198 -0.47 5.93 -6.74
N CYS A 199 -0.64 4.64 -6.96
CA CYS A 199 -1.93 4.10 -7.43
C CYS A 199 -3.04 4.39 -6.41
N ILE A 200 -2.72 4.27 -5.11
CA ILE A 200 -3.76 4.53 -4.06
C ILE A 200 -4.12 5.99 -4.00
N PHE A 201 -3.13 6.85 -4.09
CA PHE A 201 -3.29 8.34 -4.15
C PHE A 201 -4.27 8.70 -5.28
N ALA A 202 -4.00 8.16 -6.50
CA ALA A 202 -4.86 8.43 -7.64
C ALA A 202 -6.31 7.99 -7.38
N GLU A 203 -6.46 6.80 -6.81
CA GLU A 203 -7.76 6.24 -6.53
C GLU A 203 -8.49 7.06 -5.47
N MET A 204 -7.81 7.59 -4.44
CA MET A 204 -8.49 8.45 -3.46
C MET A 204 -9.03 9.72 -4.14
N VAL A 205 -8.27 10.28 -5.06
CA VAL A 205 -8.66 11.52 -5.68
C VAL A 205 -9.77 11.32 -6.72
N THR A 206 -9.69 10.30 -7.57
CA THR A 206 -10.67 10.10 -8.66
C THR A 206 -11.87 9.28 -8.31
N ARG A 207 -11.79 8.51 -7.20
CA ARG A 207 -12.78 7.55 -6.82
C ARG A 207 -12.88 6.40 -7.79
N ARG A 208 -11.81 6.14 -8.54
CA ARG A 208 -11.78 4.94 -9.36
C ARG A 208 -10.36 4.42 -9.35
N ALA A 209 -10.22 3.10 -9.32
CA ALA A 209 -8.88 2.48 -9.37
C ALA A 209 -8.22 2.83 -10.67
N LEU A 210 -6.97 3.19 -10.57
CA LEU A 210 -6.18 3.64 -11.65
C LEU A 210 -5.97 2.55 -12.70
N PHE A 211 -5.59 1.34 -12.26
CA PHE A 211 -5.20 0.24 -13.19
C PHE A 211 -5.91 -1.07 -12.72
N PRO A 212 -7.23 -1.24 -12.95
CA PRO A 212 -7.93 -2.40 -12.40
C PRO A 212 -7.81 -3.65 -13.30
N GLY A 213 -6.62 -4.24 -13.38
CA GLY A 213 -6.44 -5.45 -14.17
C GLY A 213 -6.90 -6.70 -13.45
N ASP A 214 -7.32 -7.70 -14.21
CA ASP A 214 -7.69 -9.00 -13.57
C ASP A 214 -6.73 -10.16 -13.87
N SER A 215 -5.61 -9.88 -14.49
CA SER A 215 -4.56 -10.85 -14.73
C SER A 215 -3.26 -10.08 -14.86
N GLU A 216 -2.09 -10.73 -14.77
CA GLU A 216 -0.83 -10.00 -14.84
C GLU A 216 -0.68 -9.29 -16.17
N ILE A 217 -1.09 -9.97 -17.28
CA ILE A 217 -0.96 -9.36 -18.58
C ILE A 217 -1.97 -8.25 -18.77
N ASP A 218 -3.22 -8.41 -18.27
CA ASP A 218 -4.20 -7.33 -18.33
C ASP A 218 -3.77 -6.13 -17.50
N GLN A 219 -3.17 -6.39 -16.35
CA GLN A 219 -2.62 -5.34 -15.48
C GLN A 219 -1.53 -4.57 -16.20
N LEU A 220 -0.57 -5.31 -16.81
CA LEU A 220 0.53 -4.68 -17.55
C LEU A 220 -0.02 -3.86 -18.70
N PHE A 221 -0.97 -4.39 -19.46
CA PHE A 221 -1.48 -3.65 -20.63
C PHE A 221 -2.33 -2.45 -20.23
N ARG A 222 -3.02 -2.51 -19.06
CA ARG A 222 -3.73 -1.34 -18.54
C ARG A 222 -2.74 -0.24 -18.20
N ILE A 223 -1.61 -0.60 -17.61
CA ILE A 223 -0.55 0.40 -17.31
C ILE A 223 -0.03 0.96 -18.61
N PHE A 224 0.32 0.08 -19.58
CA PHE A 224 0.91 0.51 -20.86
C PHE A 224 -0.06 1.41 -21.61
N ARG A 225 -1.37 1.17 -21.54
CA ARG A 225 -2.33 2.03 -22.28
C ARG A 225 -2.45 3.42 -21.71
N THR A 226 -2.25 3.56 -20.38
CA THR A 226 -2.25 4.84 -19.68
C THR A 226 -0.90 5.59 -19.76
N LEU A 227 0.21 4.93 -19.42
CA LEU A 227 1.50 5.56 -19.32
C LEU A 227 2.38 5.40 -20.59
N GLY A 228 1.90 4.68 -21.61
CA GLY A 228 2.68 4.35 -22.77
C GLY A 228 3.46 3.09 -22.57
N THR A 229 3.71 2.33 -23.64
CA THR A 229 4.47 1.09 -23.55
C THR A 229 5.89 1.56 -23.31
N PRO A 230 6.51 1.05 -22.26
CA PRO A 230 7.86 1.51 -21.95
C PRO A 230 8.86 1.01 -22.97
N ASP A 231 9.85 1.78 -23.22
CA ASP A 231 10.96 1.39 -24.08
C ASP A 231 12.25 1.71 -23.39
N GLU A 232 13.38 1.42 -24.05
CA GLU A 232 14.70 1.73 -23.51
C GLU A 232 14.99 3.20 -23.23
N VAL A 233 14.31 4.18 -23.90
CA VAL A 233 14.52 5.58 -23.63
C VAL A 233 14.03 5.92 -22.23
N VAL A 234 12.81 5.52 -21.90
CA VAL A 234 12.23 5.84 -20.58
C VAL A 234 12.65 4.87 -19.49
N TRP A 235 12.95 3.62 -19.88
CA TRP A 235 13.34 2.58 -18.92
C TRP A 235 14.48 1.73 -19.45
N PRO A 236 15.72 2.20 -19.25
CA PRO A 236 16.86 1.40 -19.68
C PRO A 236 16.85 0.03 -19.07
N GLY A 237 17.06 -0.97 -19.89
CA GLY A 237 17.02 -2.35 -19.46
C GLY A 237 15.65 -3.02 -19.51
N VAL A 238 14.56 -2.26 -19.87
CA VAL A 238 13.23 -2.87 -19.85
C VAL A 238 13.17 -4.10 -20.80
N THR A 239 13.79 -3.99 -22.00
CA THR A 239 13.68 -5.08 -22.97
C THR A 239 14.40 -6.37 -22.58
N SER A 240 15.23 -6.35 -21.57
CA SER A 240 15.94 -7.53 -21.09
C SER A 240 15.37 -8.09 -19.78
N MET A 241 14.15 -7.66 -19.41
CA MET A 241 13.50 -8.17 -18.22
C MET A 241 12.92 -9.51 -18.52
N PRO A 242 12.85 -10.37 -17.49
CA PRO A 242 12.44 -11.76 -17.73
C PRO A 242 11.16 -11.94 -18.54
N ASP A 243 10.15 -11.12 -18.31
CA ASP A 243 8.85 -11.33 -18.92
C ASP A 243 8.52 -10.33 -19.99
N TYR A 244 9.49 -9.53 -20.42
CA TYR A 244 9.27 -8.57 -21.48
C TYR A 244 9.30 -9.35 -22.79
N LYS A 245 8.33 -9.07 -23.65
CA LYS A 245 8.24 -9.71 -24.93
C LYS A 245 8.38 -8.59 -25.96
N PRO A 246 9.29 -8.73 -26.96
CA PRO A 246 9.32 -7.75 -28.03
C PRO A 246 7.99 -7.52 -28.72
N SER A 247 7.14 -8.51 -28.62
CA SER A 247 5.86 -8.52 -29.27
C SER A 247 4.77 -7.83 -28.46
N PHE A 248 5.10 -7.13 -27.32
CA PHE A 248 4.08 -6.33 -26.65
C PHE A 248 3.59 -5.22 -27.53
N PRO A 249 2.29 -4.84 -27.47
CA PRO A 249 1.85 -3.66 -28.23
C PRO A 249 2.52 -2.38 -27.80
N LYS A 250 2.69 -1.47 -28.77
CA LYS A 250 3.32 -0.16 -28.56
C LYS A 250 2.26 0.94 -28.49
N TRP A 251 1.61 1.12 -27.32
CA TRP A 251 0.70 2.24 -27.07
C TRP A 251 1.46 3.52 -26.72
N ALA A 252 0.88 4.68 -27.06
CA ALA A 252 1.48 5.97 -26.77
C ALA A 252 0.97 6.45 -25.44
N ARG A 253 1.78 7.23 -24.70
CA ARG A 253 1.41 7.71 -23.37
C ARG A 253 0.18 8.56 -23.47
N GLN A 254 -0.84 8.30 -22.59
CA GLN A 254 -2.00 9.18 -22.51
C GLN A 254 -1.56 10.49 -21.96
N ASP A 255 -2.33 11.55 -22.26
CA ASP A 255 -2.13 12.83 -21.60
C ASP A 255 -2.42 12.66 -20.12
N PHE A 256 -1.57 13.21 -19.27
CA PHE A 256 -1.65 12.94 -17.84
C PHE A 256 -2.75 13.78 -17.14
N SER A 257 -3.12 14.97 -17.66
CA SER A 257 -4.31 15.71 -17.17
C SER A 257 -5.66 14.96 -17.37
N LYS A 258 -5.65 13.95 -18.22
CA LYS A 258 -6.82 13.15 -18.52
C LYS A 258 -7.03 12.04 -17.43
N VAL A 259 -5.93 11.63 -16.77
CA VAL A 259 -5.90 10.45 -15.93
C VAL A 259 -6.40 10.73 -14.53
N VAL A 260 -6.04 11.89 -13.94
CA VAL A 260 -6.45 12.25 -12.60
C VAL A 260 -7.06 13.65 -12.56
N PRO A 261 -8.01 13.96 -13.48
CA PRO A 261 -8.45 15.36 -13.69
C PRO A 261 -8.61 16.25 -12.46
N PRO A 262 -9.28 15.84 -11.34
CA PRO A 262 -9.50 16.81 -10.25
C PRO A 262 -8.19 17.18 -9.48
N LEU A 263 -7.07 16.55 -9.78
CA LEU A 263 -5.84 16.78 -9.03
C LEU A 263 -5.16 18.04 -9.62
N ASP A 264 -4.77 18.97 -8.76
CA ASP A 264 -4.00 20.13 -9.15
C ASP A 264 -2.62 19.77 -9.69
N GLU A 265 -1.94 20.75 -10.32
CA GLU A 265 -0.66 20.48 -10.94
C GLU A 265 0.43 20.02 -9.95
N ASP A 266 0.41 20.46 -8.68
CA ASP A 266 1.42 19.94 -7.72
C ASP A 266 1.14 18.46 -7.45
N GLY A 267 -0.13 18.11 -7.27
CA GLY A 267 -0.48 16.70 -7.09
C GLY A 267 -0.11 15.84 -8.29
N ARG A 268 -0.39 16.36 -9.54
CA ARG A 268 -0.05 15.65 -10.74
C ARG A 268 1.44 15.47 -10.91
N SER A 269 2.21 16.49 -10.54
N SER A 269 2.27 16.49 -10.53
CA SER A 269 3.66 16.39 -10.64
CA SER A 269 3.74 16.36 -10.66
C SER A 269 4.16 15.27 -9.73
C SER A 269 4.31 15.34 -9.67
N LEU A 270 3.76 15.34 -8.45
CA LEU A 270 4.14 14.28 -7.48
C LEU A 270 3.74 12.87 -7.98
N LEU A 271 2.50 12.73 -8.42
CA LEU A 271 2.04 11.43 -8.92
C LEU A 271 2.89 10.92 -10.08
N SER A 272 3.20 11.83 -11.04
CA SER A 272 4.00 11.39 -12.18
C SER A 272 5.36 10.86 -11.71
N GLN A 273 5.94 11.50 -10.66
CA GLN A 273 7.22 11.02 -10.11
C GLN A 273 7.11 9.67 -9.38
N MET A 274 5.91 9.37 -8.82
CA MET A 274 5.71 8.08 -8.16
C MET A 274 5.42 6.97 -9.14
N LEU A 275 5.05 7.31 -10.37
CA LEU A 275 4.66 6.34 -11.35
C LEU A 275 5.66 6.28 -12.53
N HIS A 276 6.93 6.78 -12.33
CA HIS A 276 7.93 6.57 -13.38
C HIS A 276 8.14 5.06 -13.54
N TYR A 277 8.29 4.64 -14.77
CA TYR A 277 8.52 3.23 -15.06
C TYR A 277 9.85 2.75 -14.48
N ASP A 278 10.95 3.50 -14.69
CA ASP A 278 12.24 3.04 -14.19
C ASP A 278 12.26 3.15 -12.69
N PRO A 279 12.38 2.05 -11.92
CA PRO A 279 12.40 2.23 -10.45
C PRO A 279 13.49 3.14 -9.97
N ASN A 280 14.61 3.21 -10.72
CA ASN A 280 15.68 4.15 -10.34
C ASN A 280 15.28 5.62 -10.53
N LYS A 281 14.35 5.91 -11.40
CA LYS A 281 13.87 7.28 -11.63
C LYS A 281 12.74 7.62 -10.65
N ARG A 282 12.07 6.60 -10.12
CA ARG A 282 10.86 6.83 -9.31
C ARG A 282 11.26 7.57 -8.02
N ILE A 283 10.46 8.53 -7.57
CA ILE A 283 10.81 9.34 -6.41
C ILE A 283 10.86 8.40 -5.15
N SER A 284 11.72 8.74 -4.23
CA SER A 284 11.83 8.06 -2.95
C SER A 284 10.81 8.63 -1.98
N ALA A 285 10.48 7.90 -0.92
CA ALA A 285 9.55 8.43 0.10
C ALA A 285 10.08 9.69 0.73
N LYS A 286 11.37 9.69 1.07
CA LYS A 286 12.00 10.83 1.69
C LYS A 286 11.96 12.07 0.77
N ALA A 287 12.30 11.91 -0.50
CA ALA A 287 12.22 13.02 -1.46
C ALA A 287 10.74 13.54 -1.67
N ALA A 288 9.77 12.62 -1.70
CA ALA A 288 8.37 12.98 -1.88
C ALA A 288 7.86 13.82 -0.73
N LEU A 289 8.36 13.59 0.48
CA LEU A 289 7.92 14.39 1.63
C LEU A 289 8.26 15.88 1.49
N ALA A 290 9.32 16.21 0.72
CA ALA A 290 9.74 17.60 0.44
C ALA A 290 9.03 18.20 -0.78
N HIS A 291 8.13 17.44 -1.46
CA HIS A 291 7.48 17.91 -2.64
C HIS A 291 6.56 19.10 -2.30
N PRO A 292 6.48 20.12 -3.20
CA PRO A 292 5.55 21.24 -2.96
C PRO A 292 4.11 20.92 -2.73
N PHE A 293 3.63 19.74 -3.17
CA PHE A 293 2.25 19.32 -2.88
C PHE A 293 1.94 19.38 -1.40
N PHE A 294 2.97 19.15 -0.52
CA PHE A 294 2.74 19.10 0.92
C PHE A 294 2.97 20.43 1.65
N GLN A 295 3.17 21.53 0.92
CA GLN A 295 3.44 22.82 1.57
C GLN A 295 2.30 23.20 2.53
N ASP A 296 1.06 22.91 2.18
CA ASP A 296 -0.08 23.28 3.03
C ASP A 296 -0.64 22.06 3.78
N VAL A 297 0.14 20.99 4.02
CA VAL A 297 -0.40 19.77 4.63
C VAL A 297 -0.87 20.07 6.08
N THR A 298 -1.95 19.44 6.47
CA THR A 298 -2.56 19.57 7.79
C THR A 298 -3.04 18.18 8.20
N LYS A 299 -3.57 18.01 9.42
CA LYS A 299 -4.04 16.71 9.92
C LYS A 299 -5.55 16.81 10.29
N PRO A 300 -6.45 16.73 9.30
CA PRO A 300 -7.89 16.71 9.60
C PRO A 300 -8.37 15.44 10.26
N VAL A 301 -9.63 15.49 10.78
CA VAL A 301 -10.35 14.40 11.44
C VAL A 301 -11.26 13.78 10.35
N PRO A 302 -11.21 12.46 10.13
CA PRO A 302 -12.18 11.82 9.22
C PRO A 302 -13.54 11.66 9.88
N HIS A 303 -14.60 11.54 9.07
CA HIS A 303 -15.92 11.17 9.64
C HIS A 303 -15.96 9.65 9.50
N LEU A 304 -15.80 8.89 10.59
CA LEU A 304 -15.88 7.43 10.50
C LEU A 304 -17.16 6.99 11.07
N ARG A 305 -17.85 6.10 10.38
CA ARG A 305 -19.00 5.42 10.90
C ARG A 305 -18.47 4.05 11.28
N LEU A 306 -18.41 3.79 12.59
CA LEU A 306 -17.96 2.47 13.13
C LEU A 306 -19.06 1.53 13.56
O1 I74 B . -4.92 -7.31 8.18
C42 I74 B . -5.74 -7.08 7.04
C43 I74 B . -4.84 -7.06 5.81
N44 I74 B . -5.63 -6.71 4.60
C45 I74 B . -6.72 -7.69 4.36
C46 I74 B . -7.64 -7.79 5.58
C41 I74 B . -6.83 -8.13 6.83
C40 I74 B . -7.74 -8.26 8.05
N18 I74 B . -8.34 -6.99 8.41
C5 I74 B . -7.95 -6.20 9.44
C4 I74 B . -8.83 -5.21 9.87
C3 I74 B . -8.50 -4.39 10.94
N2 I74 B . -7.30 -4.64 11.55
N1 I74 B . -6.80 -3.95 12.61
C9 I74 B . -5.60 -4.49 12.80
C8 I74 B . -5.27 -5.51 11.91
C26 I74 B . -3.95 -6.23 11.85
C28 I74 B . -4.07 -7.72 11.61
C27 I74 B . -3.04 -5.62 10.79
C7 I74 B . -6.42 -5.59 11.06
N6 I74 B . -6.72 -6.38 10.02
N10 I74 B . -9.27 -3.39 11.46
C11 I74 B . -10.37 -2.76 10.74
C12 I74 B . -11.68 -3.47 10.93
C17 I74 B . -12.40 -3.34 12.10
C16 I74 B . -13.61 -3.96 12.26
C15 I74 B . -14.12 -4.75 11.25
C14 I74 B . -13.43 -4.88 10.07
C13 I74 B . -12.21 -4.25 9.91
H1 I74 B . -4.36 -6.67 8.25
H2 I74 B . -6.16 -6.20 7.12
H3 I74 B . -4.13 -6.40 5.93
H4 I74 B . -4.43 -7.94 5.69
H5 I74 B . -6.00 -5.88 4.70
H7 I74 B . -7.25 -7.41 3.58
H8 I74 B . -6.33 -8.57 4.16
H9 I74 B . -8.09 -6.94 5.71
H10 I74 B . -8.31 -8.49 5.42
H11 I74 B . -6.39 -8.99 6.69
H12 I74 B . -7.23 -8.61 8.81
H13 I74 B . -8.46 -8.90 7.84
H14 I74 B . -9.04 -6.73 7.96
H15 I74 B . -9.69 -5.11 9.45
H16 I74 B . -5.03 -4.17 13.46
H17 I74 B . -3.50 -6.11 12.72
H18 I74 B . -4.44 -7.89 10.72
H19 I74 B . -3.19 -8.14 11.68
H20 I74 B . -4.66 -8.11 12.28
H21 I74 B . -3.07 -4.64 10.85
H22 I74 B . -2.13 -5.92 10.92
H23 I74 B . -3.35 -5.90 9.90
H24 I74 B . -9.09 -3.09 12.26
H25 I74 B . -10.46 -1.84 11.05
H26 I74 B . -10.15 -2.74 9.79
H27 I74 B . -12.04 -2.80 12.80
H28 I74 B . -14.10 -3.87 13.08
H29 I74 B . -14.96 -5.19 11.37
H30 I74 B . -13.77 -5.42 9.37
H31 I74 B . -11.74 -4.35 9.10
H32 I74 B . -5.07 -6.69 3.87
#